data_8BRU
#
_entry.id   8BRU
#
_cell.length_a   78.310
_cell.length_b   45.080
_cell.length_c   86.170
_cell.angle_alpha   90.000
_cell.angle_beta   107.540
_cell.angle_gamma   90.000
#
_symmetry.space_group_name_H-M   'P 1 21 1'
#
loop_
_entity.id
_entity.type
_entity.pdbx_description
1 polymer 'Methionine--tRNA ligase'
2 non-polymer 'ZINC ION'
3 non-polymer 'CITRIC ACID'
4 water water
#
_entity_poly.entity_id   1
_entity_poly.type   'polypeptide(L)'
_entity_poly.pdbx_seq_one_letter_code
;MGSSHHHHHHSSGLVPRGSHSTQVAKKILVTCAMPYANGSIHLGHMLEHIQADVWVRYQRMRGHEVNFICADDAHGTPIM
LKAQQLGITPEQMIGEMSQEHQTDFAGFNISYDNYHSTHSEENRQLSELIYSRLKENGFIKNRTISQLYDPEKGMFLPDR
FVKGTCPKCKSPDQYGDNCEVCGATYSPTELIEPKSVVSGATPVMRDSEHFFFDLPSFSEMLQAWTRSGALQEQVANKMQ
EWFESGLQQWDISRDAPYFGFEIPNAPGKYFYVWLDAPIGYMGSFKNLCDKRGDSVSFDEYWKKDSTAELYHFIGKDCVY
FHSLFWPAMLEGSNFRKPSNLFVHGYVTVNGAKMSKSRGTFIKASTWLNHFDADSLRYYYTAKLSSRIDDIDLNLEDFVQ
RVNADIVNKVVNLASRNAGFINKRFDGVLASELADPQLYKTFTDAAEVIGEAWESREFGKAVREIMALADLANRYVDEQA
PWVVAKQEGRDADLQAICSMGINLFRVLMTYLKPVLPKLTERAEAFLNTELTWDGIQQPLLGHKVNPFKALYNRIDMRQV
EALVEASK
;
_entity_poly.pdbx_strand_id   A
#
loop_
_chem_comp.id
_chem_comp.type
_chem_comp.name
_chem_comp.formula
CIT non-polymer 'CITRIC ACID' 'C6 H8 O7'
ZN non-polymer 'ZINC ION' 'Zn 2'
#
# COMPACT_ATOMS: atom_id res chain seq x y z
N ALA A 25 20.37 5.11 10.39
CA ALA A 25 20.54 6.47 10.88
C ALA A 25 19.69 7.45 10.09
N LYS A 26 19.03 6.96 9.04
CA LYS A 26 18.19 7.83 8.23
C LYS A 26 16.90 8.14 8.96
N LYS A 27 16.31 9.28 8.63
CA LYS A 27 14.94 9.62 8.98
C LYS A 27 14.09 9.52 7.72
N ILE A 28 13.05 8.70 7.78
CA ILE A 28 12.28 8.33 6.58
C ILE A 28 10.81 8.47 6.92
N LEU A 29 10.09 9.22 6.09
CA LEU A 29 8.64 9.28 6.16
C LEU A 29 8.08 8.60 4.92
N VAL A 30 7.30 7.55 5.12
CA VAL A 30 6.76 6.74 4.03
C VAL A 30 5.26 6.78 4.13
N THR A 31 4.59 6.97 3.00
CA THR A 31 3.15 6.94 2.92
C THR A 31 2.68 5.90 1.90
N CYS A 32 1.42 5.49 2.05
CA CYS A 32 0.62 4.88 1.01
C CYS A 32 -0.45 5.86 0.59
N ALA A 33 -1.01 5.67 -0.60
CA ALA A 33 -2.14 6.49 -1.03
C ALA A 33 -3.33 6.22 -0.12
N MET A 34 -4.17 7.24 0.01
CA MET A 34 -5.24 7.20 0.99
C MET A 34 -6.48 6.51 0.42
N PRO A 35 -6.97 5.46 1.07
CA PRO A 35 -8.24 4.88 0.64
C PRO A 35 -9.38 5.89 0.73
N TYR A 36 -10.27 5.87 -0.26
CA TYR A 36 -11.47 6.69 -0.19
C TYR A 36 -12.39 6.13 0.90
N ALA A 37 -13.05 7.03 1.64
CA ALA A 37 -13.90 6.64 2.75
C ALA A 37 -15.22 6.02 2.33
N ASN A 38 -15.54 5.94 1.05
CA ASN A 38 -16.84 5.43 0.65
C ASN A 38 -16.77 4.05 0.01
N GLY A 39 -15.70 3.30 0.25
CA GLY A 39 -15.64 1.94 -0.24
C GLY A 39 -14.74 1.09 0.64
N SER A 40 -15.00 -0.23 0.60
CA SER A 40 -14.23 -1.18 1.39
C SER A 40 -12.86 -1.47 0.79
N ILE A 41 -11.92 -1.86 1.65
CA ILE A 41 -10.58 -2.24 1.20
C ILE A 41 -10.65 -3.53 0.40
N HIS A 42 -10.00 -3.55 -0.76
CA HIS A 42 -9.97 -4.77 -1.59
C HIS A 42 -8.53 -5.14 -1.88
N LEU A 43 -8.36 -6.21 -2.68
CA LEU A 43 -7.01 -6.73 -2.92
C LEU A 43 -6.13 -5.73 -3.67
N GLY A 44 -6.74 -4.77 -4.38
CA GLY A 44 -5.93 -3.74 -5.02
C GLY A 44 -5.27 -2.82 -4.01
N HIS A 45 -6.05 -2.35 -3.03
CA HIS A 45 -5.45 -1.62 -1.91
C HIS A 45 -4.34 -2.45 -1.27
N MET A 46 -4.60 -3.74 -1.06
CA MET A 46 -3.65 -4.54 -0.29
C MET A 46 -2.31 -4.69 -0.99
N LEU A 47 -2.29 -4.70 -2.33
CA LEU A 47 -1.02 -4.77 -3.02
C LEU A 47 -0.13 -3.60 -2.60
N GLU A 48 -0.70 -2.40 -2.56
CA GLU A 48 0.05 -1.20 -2.25
C GLU A 48 0.48 -1.17 -0.79
N HIS A 49 -0.44 -1.45 0.12
CA HIS A 49 -0.11 -1.38 1.54
C HIS A 49 0.86 -2.47 1.94
N ILE A 50 0.75 -3.65 1.32
CA ILE A 50 1.71 -4.71 1.62
C ILE A 50 3.09 -4.36 1.07
N GLN A 51 3.14 -3.86 -0.17
CA GLN A 51 4.43 -3.46 -0.73
C GLN A 51 5.14 -2.48 0.19
N ALA A 52 4.43 -1.43 0.58
CA ALA A 52 5.01 -0.43 1.46
C ALA A 52 5.39 -1.04 2.82
N ASP A 53 4.55 -1.91 3.36
CA ASP A 53 4.83 -2.44 4.68
C ASP A 53 6.09 -3.31 4.68
N VAL A 54 6.29 -4.10 3.62
CA VAL A 54 7.49 -4.91 3.51
C VAL A 54 8.72 -4.00 3.52
N TRP A 55 8.69 -2.94 2.73
CA TRP A 55 9.82 -2.02 2.66
C TRP A 55 10.07 -1.36 3.99
N VAL A 56 9.00 -0.88 4.63
CA VAL A 56 9.08 -0.22 5.93
C VAL A 56 9.67 -1.16 6.97
N ARG A 57 9.21 -2.41 6.98
CA ARG A 57 9.71 -3.33 8.00
C ARG A 57 11.18 -3.61 7.79
N TYR A 58 11.63 -3.70 6.54
CA TYR A 58 13.06 -3.88 6.27
C TYR A 58 13.85 -2.66 6.72
N GLN A 59 13.36 -1.46 6.44
CA GLN A 59 14.09 -0.26 6.86
C GLN A 59 14.20 -0.20 8.37
N ARG A 60 13.16 -0.61 9.09
CA ARG A 60 13.23 -0.64 10.54
C ARG A 60 14.25 -1.68 11.01
N MET A 61 14.31 -2.82 10.32
CA MET A 61 15.28 -3.83 10.69
C MET A 61 16.72 -3.34 10.52
N ARG A 62 16.95 -2.37 9.63
CA ARG A 62 18.29 -1.86 9.41
C ARG A 62 18.61 -0.66 10.29
N GLY A 63 17.73 -0.33 11.22
CA GLY A 63 18.02 0.65 12.25
C GLY A 63 17.58 2.07 11.98
N HIS A 64 16.85 2.31 10.90
CA HIS A 64 16.45 3.66 10.56
C HIS A 64 15.25 4.12 11.35
N GLU A 65 15.11 5.45 11.47
CA GLU A 65 13.92 6.08 12.03
C GLU A 65 12.90 6.16 10.91
N VAL A 66 11.83 5.37 11.03
CA VAL A 66 10.84 5.26 9.97
C VAL A 66 9.49 5.70 10.53
N ASN A 67 8.81 6.55 9.78
CA ASN A 67 7.44 6.93 10.09
C ASN A 67 6.56 6.55 8.90
N PHE A 68 5.69 5.58 9.12
CA PHE A 68 4.78 5.01 8.11
C PHE A 68 3.39 5.59 8.35
N ILE A 69 2.91 6.37 7.38
CA ILE A 69 1.79 7.30 7.54
C ILE A 69 0.74 7.01 6.49
N CYS A 70 -0.54 6.94 6.91
CA CYS A 70 -1.64 6.95 5.96
C CYS A 70 -2.86 7.62 6.59
N ALA A 71 -3.97 7.61 5.85
CA ALA A 71 -5.21 8.24 6.29
C ALA A 71 -6.31 7.84 5.33
N ASP A 72 -7.56 7.97 5.77
CA ASP A 72 -8.70 7.92 4.86
C ASP A 72 -8.88 9.27 4.18
N ASP A 73 -9.17 9.23 2.87
CA ASP A 73 -9.53 10.40 2.06
C ASP A 73 -11.05 10.54 2.21
N ALA A 74 -11.50 11.51 3.00
CA ALA A 74 -12.84 11.46 3.57
C ALA A 74 -13.77 12.59 3.14
N HIS A 75 -13.37 13.46 2.25
CA HIS A 75 -14.21 14.59 1.87
C HIS A 75 -14.87 14.39 0.50
N GLY A 76 -15.83 15.25 0.21
CA GLY A 76 -16.30 15.43 -1.15
C GLY A 76 -17.80 15.16 -1.33
N THR A 77 -18.24 15.44 -2.56
CA THR A 77 -19.66 15.32 -2.88
C THR A 77 -20.17 13.89 -2.79
N PRO A 78 -19.49 12.88 -3.34
CA PRO A 78 -20.01 11.51 -3.19
C PRO A 78 -20.23 11.12 -1.73
N ILE A 79 -19.30 11.47 -0.86
CA ILE A 79 -19.44 11.16 0.56
C ILE A 79 -20.62 11.93 1.16
N MET A 80 -20.71 13.22 0.86
CA MET A 80 -21.85 14.00 1.36
C MET A 80 -23.16 13.35 0.96
N LEU A 81 -23.30 12.98 -0.31
CA LEU A 81 -24.56 12.45 -0.79
C LEU A 81 -24.86 11.07 -0.21
N LYS A 82 -23.84 10.22 -0.11
CA LYS A 82 -24.03 8.89 0.47
C LYS A 82 -24.52 9.00 1.91
N ALA A 83 -23.93 9.88 2.71
CA ALA A 83 -24.39 10.03 4.09
C ALA A 83 -25.84 10.48 4.12
N GLN A 84 -26.21 11.44 3.28
CA GLN A 84 -27.60 11.88 3.22
C GLN A 84 -28.53 10.71 2.91
N GLN A 85 -28.12 9.84 1.97
CA GLN A 85 -28.95 8.69 1.62
C GLN A 85 -29.08 7.73 2.79
N LEU A 86 -28.00 7.54 3.54
CA LEU A 86 -28.05 6.67 4.71
C LEU A 86 -28.74 7.32 5.89
N GLY A 87 -28.99 8.63 5.83
CA GLY A 87 -29.64 9.31 6.94
C GLY A 87 -28.77 9.54 8.15
N ILE A 88 -27.45 9.61 7.96
CA ILE A 88 -26.51 9.85 9.06
C ILE A 88 -25.61 11.00 8.65
N THR A 89 -24.92 11.57 9.64
CA THR A 89 -23.97 12.62 9.35
C THR A 89 -22.81 12.07 8.55
N PRO A 90 -22.16 12.91 7.74
CA PRO A 90 -20.94 12.43 7.07
C PRO A 90 -19.87 12.05 8.07
N GLU A 91 -19.78 12.78 9.19
CA GLU A 91 -18.81 12.44 10.22
C GLU A 91 -19.05 11.04 10.76
N GLN A 92 -20.31 10.67 11.02
CA GLN A 92 -20.59 9.32 11.49
C GLN A 92 -20.19 8.29 10.44
N MET A 93 -20.51 8.56 9.18
CA MET A 93 -20.24 7.59 8.12
C MET A 93 -18.75 7.38 7.92
N ILE A 94 -17.98 8.48 7.81
CA ILE A 94 -16.55 8.32 7.57
C ILE A 94 -15.89 7.68 8.79
N GLY A 95 -16.42 7.93 9.98
CA GLY A 95 -15.86 7.31 11.16
C GLY A 95 -16.01 5.81 11.14
N GLU A 96 -17.20 5.34 10.74
CA GLU A 96 -17.43 3.90 10.63
C GLU A 96 -16.55 3.27 9.56
N MET A 97 -16.39 3.95 8.42
CA MET A 97 -15.54 3.36 7.38
C MET A 97 -14.07 3.41 7.78
N SER A 98 -13.66 4.47 8.48
CA SER A 98 -12.28 4.53 8.99
C SER A 98 -11.98 3.33 9.87
N GLN A 99 -12.90 2.98 10.76
CA GLN A 99 -12.71 1.83 11.63
C GLN A 99 -12.64 0.54 10.81
N GLU A 100 -13.50 0.40 9.81
CA GLU A 100 -13.49 -0.81 8.99
C GLU A 100 -12.16 -0.95 8.26
N HIS A 101 -11.71 0.15 7.64
CA HIS A 101 -10.44 0.13 6.95
C HIS A 101 -9.30 -0.27 7.86
N GLN A 102 -9.26 0.33 9.05
CA GLN A 102 -8.14 0.08 9.94
C GLN A 102 -8.18 -1.33 10.49
N THR A 103 -9.38 -1.88 10.67
CA THR A 103 -9.48 -3.29 11.08
C THR A 103 -8.89 -4.20 10.02
N ASP A 104 -9.21 -3.94 8.75
CA ASP A 104 -8.69 -4.76 7.66
C ASP A 104 -7.18 -4.64 7.55
N PHE A 105 -6.65 -3.42 7.58
CA PHE A 105 -5.21 -3.26 7.48
C PHE A 105 -4.49 -3.88 8.67
N ALA A 106 -5.08 -3.80 9.86
CA ALA A 106 -4.50 -4.47 11.03
C ALA A 106 -4.49 -5.98 10.82
N GLY A 107 -5.54 -6.52 10.21
CA GLY A 107 -5.58 -7.95 9.93
C GLY A 107 -4.49 -8.40 9.00
N PHE A 108 -3.96 -7.51 8.18
CA PHE A 108 -2.83 -7.83 7.32
C PHE A 108 -1.51 -7.33 7.88
N ASN A 109 -1.49 -6.86 9.14
CA ASN A 109 -0.27 -6.47 9.82
C ASN A 109 0.44 -5.35 9.08
N ILE A 110 -0.33 -4.39 8.59
CA ILE A 110 0.26 -3.17 8.02
C ILE A 110 0.63 -2.25 9.19
N SER A 111 1.92 -1.97 9.35
CA SER A 111 2.46 -1.44 10.60
C SER A 111 2.52 0.08 10.61
N TYR A 112 1.41 0.75 10.34
CA TYR A 112 1.45 2.21 10.33
C TYR A 112 1.87 2.74 11.70
N ASP A 113 2.61 3.84 11.67
CA ASP A 113 2.84 4.64 12.87
C ASP A 113 1.67 5.57 13.13
N ASN A 114 0.95 5.94 12.08
CA ASN A 114 -0.26 6.72 12.28
C ASN A 114 -1.16 6.53 11.07
N TYR A 115 -2.45 6.33 11.35
CA TYR A 115 -3.50 6.27 10.34
C TYR A 115 -4.55 7.31 10.74
N HIS A 116 -4.65 8.39 9.97
CA HIS A 116 -5.45 9.55 10.36
C HIS A 116 -6.59 9.73 9.35
N SER A 117 -6.96 10.97 9.09
CA SER A 117 -8.08 11.30 8.23
C SER A 117 -7.80 12.65 7.58
N THR A 118 -8.25 12.82 6.34
CA THR A 118 -8.21 14.16 5.76
C THR A 118 -9.20 15.07 6.45
N HIS A 119 -10.20 14.52 7.14
CA HIS A 119 -11.15 15.33 7.90
C HIS A 119 -10.60 15.42 9.32
N SER A 120 -9.73 16.40 9.54
CA SER A 120 -9.05 16.57 10.82
C SER A 120 -8.70 18.05 10.99
N GLU A 121 -8.51 18.45 12.23
CA GLU A 121 -8.12 19.84 12.50
C GLU A 121 -6.71 20.11 11.99
N GLU A 122 -5.82 19.12 12.07
CA GLU A 122 -4.47 19.30 11.53
C GLU A 122 -4.51 19.57 10.04
N ASN A 123 -5.34 18.81 9.32
CA ASN A 123 -5.42 19.04 7.88
C ASN A 123 -6.17 20.33 7.55
N ARG A 124 -7.18 20.70 8.34
CA ARG A 124 -7.83 21.98 8.11
C ARG A 124 -6.82 23.12 8.20
N GLN A 125 -6.04 23.15 9.27
CA GLN A 125 -5.11 24.25 9.46
C GLN A 125 -4.02 24.24 8.40
N LEU A 126 -3.54 23.06 8.00
CA LEU A 126 -2.49 23.00 6.98
C LEU A 126 -3.04 23.33 5.60
N SER A 127 -4.27 22.89 5.31
CA SER A 127 -4.86 23.26 4.03
C SER A 127 -5.06 24.75 3.93
N GLU A 128 -5.57 25.37 4.99
CA GLU A 128 -5.71 26.83 5.01
C GLU A 128 -4.37 27.53 4.87
N LEU A 129 -3.33 27.02 5.55
CA LEU A 129 -2.00 27.63 5.47
C LEU A 129 -1.47 27.57 4.06
N ILE A 130 -1.50 26.38 3.45
CA ILE A 130 -0.92 26.20 2.13
C ILE A 130 -1.69 27.03 1.10
N TYR A 131 -3.01 27.04 1.18
CA TYR A 131 -3.78 27.88 0.26
C TYR A 131 -3.39 29.34 0.39
N SER A 132 -3.27 29.84 1.63
CA SER A 132 -2.93 31.24 1.84
C SER A 132 -1.59 31.57 1.22
N ARG A 133 -0.62 30.66 1.36
CA ARG A 133 0.70 30.89 0.79
C ARG A 133 0.64 30.84 -0.73
N LEU A 134 -0.06 29.85 -1.29
CA LEU A 134 -0.23 29.81 -2.73
C LEU A 134 -0.86 31.10 -3.25
N LYS A 135 -1.88 31.59 -2.57
CA LYS A 135 -2.57 32.80 -2.98
C LYS A 135 -1.65 34.01 -2.89
N GLU A 136 -0.95 34.17 -1.75
CA GLU A 136 -0.04 35.29 -1.56
C GLU A 136 1.08 35.27 -2.59
N ASN A 137 1.52 34.09 -3.02
CA ASN A 137 2.62 33.95 -3.96
C ASN A 137 2.16 34.03 -5.42
N GLY A 138 0.86 34.25 -5.65
CA GLY A 138 0.38 34.48 -7.00
C GLY A 138 0.00 33.24 -7.78
N PHE A 139 -0.18 32.11 -7.11
CA PHE A 139 -0.44 30.84 -7.79
C PHE A 139 -1.92 30.44 -7.79
N ILE A 140 -2.79 31.29 -7.29
CA ILE A 140 -4.23 31.02 -7.31
C ILE A 140 -4.90 32.00 -8.25
N LYS A 141 -5.64 31.47 -9.23
CA LYS A 141 -6.31 32.26 -10.25
C LYS A 141 -7.81 32.09 -10.13
N ASN A 142 -8.54 33.20 -10.27
CA ASN A 142 -10.00 33.16 -10.24
C ASN A 142 -10.54 33.03 -11.65
N ARG A 143 -11.48 32.09 -11.83
CA ARG A 143 -12.08 31.86 -13.14
C ARG A 143 -13.55 31.51 -12.96
N THR A 144 -14.39 32.09 -13.81
CA THR A 144 -15.80 31.72 -13.82
C THR A 144 -15.98 30.50 -14.70
N ILE A 145 -16.66 29.49 -14.17
CA ILE A 145 -16.94 28.28 -14.93
C ILE A 145 -18.44 28.12 -15.03
N SER A 146 -18.85 27.27 -15.97
CA SER A 146 -20.25 26.93 -16.20
C SER A 146 -20.39 25.43 -16.01
N GLN A 147 -21.38 25.01 -15.22
CA GLN A 147 -21.55 23.60 -14.88
C GLN A 147 -23.02 23.29 -14.66
N LEU A 148 -23.39 22.05 -14.98
CA LEU A 148 -24.75 21.61 -14.74
C LEU A 148 -25.09 21.71 -13.25
N TYR A 149 -26.32 22.16 -12.98
CA TYR A 149 -26.78 22.51 -11.64
C TYR A 149 -28.19 21.95 -11.45
N ASP A 150 -28.40 21.28 -10.33
CA ASP A 150 -29.71 20.75 -9.95
C ASP A 150 -30.46 21.84 -9.20
N PRO A 151 -31.49 22.46 -9.80
CA PRO A 151 -32.15 23.58 -9.12
C PRO A 151 -33.10 23.16 -8.02
N GLU A 152 -33.54 21.90 -8.01
CA GLU A 152 -34.39 21.38 -6.95
C GLU A 152 -33.57 21.06 -5.72
N LYS A 153 -32.58 20.18 -5.87
CA LYS A 153 -31.65 19.91 -4.78
C LYS A 153 -30.91 21.17 -4.38
N GLY A 154 -30.53 21.98 -5.36
CA GLY A 154 -29.75 23.18 -5.08
C GLY A 154 -28.26 22.93 -5.01
N MET A 155 -27.69 22.25 -6.01
CA MET A 155 -26.27 21.96 -5.98
C MET A 155 -25.76 21.71 -7.40
N PHE A 156 -24.48 22.05 -7.61
CA PHE A 156 -23.82 21.66 -8.83
C PHE A 156 -23.67 20.14 -8.85
N LEU A 157 -23.80 19.59 -10.06
CA LEU A 157 -23.75 18.14 -10.24
C LEU A 157 -22.41 17.72 -10.83
N PRO A 158 -21.64 16.89 -10.13
CA PRO A 158 -20.55 16.17 -10.79
C PRO A 158 -21.06 15.38 -11.97
N ASP A 159 -20.19 15.14 -12.93
CA ASP A 159 -20.59 14.47 -14.17
C ASP A 159 -21.36 13.17 -13.90
N ARG A 160 -20.88 12.35 -12.97
CA ARG A 160 -21.52 11.05 -12.80
C ARG A 160 -22.86 11.13 -12.08
N PHE A 161 -23.27 12.30 -11.60
CA PHE A 161 -24.59 12.50 -11.04
C PHE A 161 -25.53 13.15 -12.04
N VAL A 162 -25.17 13.12 -13.33
CA VAL A 162 -26.05 13.49 -14.43
C VAL A 162 -26.31 12.24 -15.25
N LYS A 163 -27.58 11.98 -15.55
CA LYS A 163 -27.92 10.89 -16.46
C LYS A 163 -28.84 11.41 -17.55
N GLY A 164 -28.87 10.69 -18.65
CA GLY A 164 -29.69 11.09 -19.76
C GLY A 164 -29.53 10.14 -20.92
N THR A 165 -29.90 10.63 -22.08
CA THR A 165 -29.91 9.84 -23.31
C THR A 165 -28.70 10.18 -24.16
N CYS A 166 -27.96 9.15 -24.56
CA CYS A 166 -26.76 9.34 -25.35
C CYS A 166 -27.09 10.14 -26.60
N PRO A 167 -26.36 11.23 -26.87
CA PRO A 167 -26.68 12.04 -28.07
C PRO A 167 -26.40 11.32 -29.37
N LYS A 168 -25.55 10.27 -29.36
CA LYS A 168 -25.17 9.62 -30.60
C LYS A 168 -26.12 8.49 -30.96
N CYS A 169 -26.24 7.49 -30.09
CA CYS A 169 -27.04 6.31 -30.37
C CYS A 169 -28.43 6.38 -29.77
N LYS A 170 -28.71 7.37 -28.93
CA LYS A 170 -30.02 7.63 -28.34
C LYS A 170 -30.41 6.59 -27.30
N SER A 171 -29.44 5.83 -26.78
CA SER A 171 -29.72 4.91 -25.68
C SER A 171 -30.06 5.69 -24.42
N PRO A 172 -31.12 5.33 -23.71
CA PRO A 172 -31.48 6.00 -22.46
C PRO A 172 -30.60 5.58 -21.29
N ASP A 173 -30.71 6.36 -20.21
CA ASP A 173 -30.20 5.99 -18.89
C ASP A 173 -28.68 5.82 -18.89
N GLN A 174 -27.99 6.72 -19.57
CA GLN A 174 -26.54 6.78 -19.57
C GLN A 174 -26.08 7.83 -18.57
N TYR A 175 -24.93 7.57 -17.94
CA TYR A 175 -24.42 8.39 -16.85
C TYR A 175 -23.16 9.13 -17.27
N GLY A 176 -23.09 10.43 -16.97
CA GLY A 176 -21.83 11.12 -17.09
C GLY A 176 -21.44 11.37 -18.53
N ASP A 177 -20.14 11.24 -18.81
CA ASP A 177 -19.55 11.68 -20.07
C ASP A 177 -19.36 10.55 -21.06
N ASN A 178 -20.03 9.41 -20.88
CA ASN A 178 -19.85 8.34 -21.83
C ASN A 178 -21.03 7.41 -21.85
N CYS A 179 -21.22 6.75 -22.99
CA CYS A 179 -22.32 5.84 -23.23
C CYS A 179 -21.80 4.41 -23.18
N GLU A 180 -22.44 3.60 -22.36
CA GLU A 180 -22.04 2.21 -22.19
C GLU A 180 -22.69 1.28 -23.21
N VAL A 181 -23.43 1.83 -24.17
CA VAL A 181 -23.95 1.01 -25.26
C VAL A 181 -23.07 1.20 -26.50
N CYS A 182 -22.96 2.44 -27.00
CA CYS A 182 -22.18 2.66 -28.21
C CYS A 182 -20.75 3.09 -27.95
N GLY A 183 -20.40 3.40 -26.72
CA GLY A 183 -19.03 3.77 -26.41
C GLY A 183 -18.67 5.22 -26.66
N ALA A 184 -19.61 6.03 -27.12
CA ALA A 184 -19.32 7.44 -27.35
C ALA A 184 -18.95 8.13 -26.05
N THR A 185 -18.11 9.16 -26.17
CA THR A 185 -17.78 10.07 -25.08
C THR A 185 -18.20 11.47 -25.49
N TYR A 186 -18.60 12.27 -24.50
CA TYR A 186 -19.17 13.58 -24.77
C TYR A 186 -19.27 14.33 -23.44
N SER A 187 -19.41 15.64 -23.53
CA SER A 187 -19.75 16.40 -22.34
C SER A 187 -21.16 16.01 -21.87
N PRO A 188 -21.39 15.89 -20.55
CA PRO A 188 -22.77 15.63 -20.09
C PRO A 188 -23.76 16.71 -20.51
N THR A 189 -23.29 17.90 -20.89
CA THR A 189 -24.20 18.92 -21.41
C THR A 189 -24.80 18.51 -22.76
N GLU A 190 -24.29 17.44 -23.37
CA GLU A 190 -24.80 16.94 -24.64
C GLU A 190 -25.82 15.82 -24.45
N LEU A 191 -26.00 15.34 -23.22
CA LEU A 191 -27.03 14.36 -22.96
C LEU A 191 -28.39 14.94 -23.31
N ILE A 192 -29.22 14.08 -23.91
CA ILE A 192 -30.60 14.40 -24.27
C ILE A 192 -31.49 14.14 -23.06
N GLU A 193 -32.37 15.10 -22.75
CA GLU A 193 -33.27 15.01 -21.61
C GLU A 193 -32.51 14.64 -20.33
N PRO A 194 -31.52 15.44 -19.94
CA PRO A 194 -30.73 15.10 -18.76
C PRO A 194 -31.56 15.16 -17.49
N LYS A 195 -31.15 14.33 -16.54
CA LYS A 195 -31.80 14.25 -15.24
C LYS A 195 -30.75 14.22 -14.15
N SER A 196 -31.05 14.88 -13.03
CA SER A 196 -30.22 14.76 -11.85
C SER A 196 -30.37 13.37 -11.24
N VAL A 197 -29.23 12.70 -11.01
CA VAL A 197 -29.25 11.43 -10.29
C VAL A 197 -29.72 11.65 -8.85
N VAL A 198 -29.53 12.86 -8.31
CA VAL A 198 -29.89 13.12 -6.92
C VAL A 198 -31.39 13.25 -6.75
N SER A 199 -32.04 14.05 -7.60
CA SER A 199 -33.43 14.43 -7.41
C SER A 199 -34.37 14.09 -8.56
N GLY A 200 -33.86 13.75 -9.74
CA GLY A 200 -34.68 13.60 -10.92
C GLY A 200 -35.03 14.89 -11.62
N ALA A 201 -34.70 16.05 -11.06
CA ALA A 201 -34.95 17.31 -11.73
C ALA A 201 -34.08 17.47 -12.97
N THR A 202 -34.56 18.28 -13.91
CA THR A 202 -33.76 18.61 -15.09
C THR A 202 -32.68 19.61 -14.70
N PRO A 203 -31.40 19.26 -14.84
CA PRO A 203 -30.34 20.23 -14.51
C PRO A 203 -30.24 21.32 -15.57
N VAL A 204 -29.70 22.46 -15.14
CA VAL A 204 -29.50 23.62 -15.99
C VAL A 204 -28.07 24.12 -15.82
N MET A 205 -27.56 24.83 -16.82
CA MET A 205 -26.23 25.40 -16.74
C MET A 205 -26.23 26.62 -15.83
N ARG A 206 -25.23 26.69 -14.95
CA ARG A 206 -25.11 27.78 -13.99
C ARG A 206 -23.64 28.16 -13.86
N ASP A 207 -23.38 29.46 -13.69
CA ASP A 207 -22.03 29.97 -13.55
C ASP A 207 -21.63 30.00 -12.08
N SER A 208 -20.33 29.86 -11.84
CA SER A 208 -19.78 29.98 -10.50
C SER A 208 -18.32 30.37 -10.60
N GLU A 209 -17.88 31.23 -9.68
CA GLU A 209 -16.47 31.60 -9.64
C GLU A 209 -15.71 30.50 -8.90
N HIS A 210 -14.70 29.95 -9.55
CA HIS A 210 -13.85 28.94 -8.92
C HIS A 210 -12.42 29.45 -8.83
N PHE A 211 -11.63 28.78 -8.00
CA PHE A 211 -10.26 29.15 -7.74
C PHE A 211 -9.37 28.02 -8.26
N PHE A 212 -8.38 28.38 -9.07
CA PHE A 212 -7.54 27.43 -9.76
C PHE A 212 -6.09 27.56 -9.31
N PHE A 213 -5.42 26.42 -9.17
CA PHE A 213 -3.99 26.40 -8.88
C PHE A 213 -3.21 26.45 -10.18
N ASP A 214 -2.23 27.36 -10.25
CA ASP A 214 -1.49 27.63 -11.47
C ASP A 214 -0.31 26.67 -11.65
N LEU A 215 -0.65 25.38 -11.76
CA LEU A 215 0.36 24.35 -11.97
C LEU A 215 1.32 24.66 -13.10
N PRO A 216 0.91 25.25 -14.24
CA PRO A 216 1.86 25.47 -15.34
C PRO A 216 3.04 26.35 -14.96
N SER A 217 2.91 27.20 -13.95
CA SER A 217 4.03 28.01 -13.49
C SER A 217 5.18 27.16 -12.98
N PHE A 218 4.95 25.89 -12.66
CA PHE A 218 5.98 25.02 -12.09
C PHE A 218 6.57 24.05 -13.12
N SER A 219 6.27 24.24 -14.40
CA SER A 219 6.67 23.25 -15.39
C SER A 219 8.19 23.08 -15.45
N GLU A 220 8.97 24.17 -15.44
CA GLU A 220 10.42 24.01 -15.55
C GLU A 220 10.99 23.26 -14.35
N MET A 221 10.51 23.57 -13.15
CA MET A 221 10.94 22.86 -11.95
C MET A 221 10.61 21.38 -12.07
N LEU A 222 9.39 21.05 -12.51
CA LEU A 222 8.98 19.66 -12.59
C LEU A 222 9.72 18.92 -13.69
N GLN A 223 10.04 19.59 -14.80
CA GLN A 223 10.82 18.94 -15.85
C GLN A 223 12.22 18.58 -15.34
N ALA A 224 12.83 19.46 -14.54
CA ALA A 224 14.14 19.13 -13.96
C ALA A 224 14.05 17.88 -13.09
N TRP A 225 13.00 17.76 -12.29
CA TRP A 225 12.87 16.59 -11.43
C TRP A 225 12.75 15.33 -12.28
N THR A 226 11.96 15.40 -13.36
CA THR A 226 11.75 14.23 -14.22
C THR A 226 13.07 13.69 -14.78
N ARG A 227 13.97 14.58 -15.18
CA ARG A 227 15.23 14.13 -15.75
C ARG A 227 16.32 13.88 -14.71
N SER A 228 16.00 14.01 -13.41
CA SER A 228 17.04 13.88 -12.39
C SER A 228 17.46 12.43 -12.20
N GLY A 229 16.65 11.47 -12.65
CA GLY A 229 16.97 10.07 -12.51
C GLY A 229 16.48 9.41 -11.25
N ALA A 230 15.83 10.16 -10.36
CA ALA A 230 15.28 9.55 -9.15
C ALA A 230 14.07 8.68 -9.45
N LEU A 231 13.19 9.17 -10.33
CA LEU A 231 11.94 8.46 -10.58
C LEU A 231 12.17 7.22 -11.44
N GLN A 232 11.25 6.27 -11.30
CA GLN A 232 11.23 5.11 -12.19
C GLN A 232 11.22 5.56 -13.64
N GLU A 233 11.96 4.83 -14.48
CA GLU A 233 12.04 5.16 -15.89
C GLU A 233 10.66 5.22 -16.54
N GLN A 234 9.79 4.26 -16.22
CA GLN A 234 8.45 4.26 -16.81
C GLN A 234 7.66 5.50 -16.40
N VAL A 235 7.90 6.01 -15.20
CA VAL A 235 7.20 7.19 -14.72
C VAL A 235 7.72 8.43 -15.43
N ALA A 236 9.05 8.56 -15.49
CA ALA A 236 9.64 9.69 -16.20
C ALA A 236 9.15 9.78 -17.64
N ASN A 237 9.04 8.63 -18.31
CA ASN A 237 8.55 8.63 -19.68
C ASN A 237 7.11 9.13 -19.74
N LYS A 238 6.26 8.69 -18.82
CA LYS A 238 4.88 9.14 -18.79
C LYS A 238 4.82 10.65 -18.56
N MET A 239 5.66 11.16 -17.64
CA MET A 239 5.64 12.60 -17.38
C MET A 239 6.01 13.39 -18.62
N GLN A 240 6.90 12.87 -19.46
CA GLN A 240 7.26 13.59 -20.68
C GLN A 240 6.02 13.75 -21.58
N GLU A 241 5.15 12.74 -21.59
CA GLU A 241 3.92 12.85 -22.36
C GLU A 241 3.03 13.97 -21.83
N TRP A 242 3.00 14.13 -20.50
CA TRP A 242 2.17 15.16 -19.90
C TRP A 242 2.72 16.56 -20.18
N PHE A 243 4.04 16.71 -20.12
CA PHE A 243 4.64 18.00 -20.47
C PHE A 243 4.37 18.33 -21.93
N GLU A 244 4.45 17.31 -22.80
CA GLU A 244 4.19 17.52 -24.22
C GLU A 244 2.76 18.01 -24.45
N SER A 245 1.79 17.39 -23.77
CA SER A 245 0.41 17.81 -23.91
C SER A 245 0.22 19.21 -23.38
N GLY A 246 1.00 19.60 -22.37
CA GLY A 246 0.87 20.90 -21.76
C GLY A 246 0.16 20.80 -20.43
N LEU A 247 0.78 21.31 -19.37
CA LEU A 247 0.14 21.31 -18.06
C LEU A 247 -1.00 22.32 -18.03
N GLN A 248 -2.07 21.98 -17.34
CA GLN A 248 -3.22 22.86 -17.17
C GLN A 248 -3.28 23.38 -15.74
N GLN A 249 -4.02 24.47 -15.56
CA GLN A 249 -4.42 24.87 -14.22
C GLN A 249 -5.46 23.89 -13.70
N TRP A 250 -5.54 23.75 -12.38
CA TRP A 250 -6.44 22.79 -11.78
C TRP A 250 -7.34 23.43 -10.73
N ASP A 251 -8.63 23.21 -10.88
CA ASP A 251 -9.63 23.70 -9.93
C ASP A 251 -9.35 23.13 -8.55
N ILE A 252 -9.29 24.01 -7.55
CA ILE A 252 -9.11 23.55 -6.19
C ILE A 252 -10.27 23.99 -5.29
N SER A 253 -11.42 24.33 -5.88
CA SER A 253 -12.54 24.84 -5.12
C SER A 253 -13.83 24.13 -5.52
N ARG A 254 -14.76 24.08 -4.57
CA ARG A 254 -16.11 23.58 -4.80
C ARG A 254 -17.11 24.49 -4.10
N ASP A 255 -18.30 24.60 -4.69
CA ASP A 255 -19.38 25.36 -4.09
C ASP A 255 -20.12 24.54 -3.04
N ALA A 256 -20.66 25.24 -2.04
CA ALA A 256 -21.59 24.61 -1.13
C ALA A 256 -22.84 24.17 -1.90
N PRO A 257 -23.53 23.12 -1.45
CA PRO A 257 -23.24 22.30 -0.27
C PRO A 257 -22.11 21.34 -0.51
N TYR A 258 -21.27 21.13 0.51
CA TYR A 258 -20.10 20.28 0.38
C TYR A 258 -19.80 19.67 1.74
N PHE A 259 -19.06 18.57 1.73
CA PHE A 259 -18.48 18.03 2.95
C PHE A 259 -16.96 18.18 2.84
N GLY A 260 -16.42 19.13 3.60
CA GLY A 260 -15.02 19.46 3.49
C GLY A 260 -14.72 20.74 4.24
N PHE A 261 -13.63 21.38 3.83
CA PHE A 261 -13.14 22.58 4.49
C PHE A 261 -13.57 23.84 3.75
N GLU A 262 -14.22 24.76 4.47
CA GLU A 262 -14.57 26.06 3.91
C GLU A 262 -13.33 26.91 3.64
N ILE A 263 -13.34 27.65 2.55
CA ILE A 263 -12.20 28.49 2.15
C ILE A 263 -12.28 29.80 2.92
N PRO A 264 -11.26 30.16 3.68
CA PRO A 264 -11.31 31.45 4.38
C PRO A 264 -11.51 32.60 3.42
N ASN A 265 -12.34 33.56 3.83
CA ASN A 265 -12.65 34.78 3.09
C ASN A 265 -13.46 34.52 1.83
N ALA A 266 -14.00 33.31 1.64
CA ALA A 266 -14.75 32.96 0.43
C ALA A 266 -16.01 32.22 0.84
N PRO A 267 -16.98 32.93 1.40
CA PRO A 267 -18.21 32.27 1.87
C PRO A 267 -18.85 31.44 0.77
N GLY A 268 -19.33 30.25 1.14
CA GLY A 268 -19.96 29.37 0.19
C GLY A 268 -19.00 28.59 -0.68
N LYS A 269 -17.70 28.72 -0.48
CA LYS A 269 -16.70 27.99 -1.23
C LYS A 269 -15.93 27.06 -0.31
N TYR A 270 -15.59 25.88 -0.84
CA TYR A 270 -14.86 24.85 -0.12
C TYR A 270 -13.64 24.44 -0.91
N PHE A 271 -12.65 23.90 -0.20
CA PHE A 271 -11.53 23.28 -0.89
C PHE A 271 -11.96 21.97 -1.54
N TYR A 272 -11.63 21.81 -2.82
CA TYR A 272 -11.78 20.53 -3.50
C TYR A 272 -10.77 19.54 -2.94
N VAL A 273 -11.10 18.25 -3.05
CA VAL A 273 -10.27 17.22 -2.45
C VAL A 273 -8.87 17.18 -3.05
N TRP A 274 -8.70 17.62 -4.29
CA TRP A 274 -7.36 17.69 -4.86
C TRP A 274 -6.42 18.48 -3.96
N LEU A 275 -6.92 19.56 -3.35
CA LEU A 275 -6.06 20.34 -2.47
C LEU A 275 -5.89 19.66 -1.11
N ASP A 276 -7.00 19.28 -0.46
CA ASP A 276 -6.89 18.90 0.94
C ASP A 276 -6.40 17.48 1.11
N ALA A 277 -6.56 16.61 0.11
CA ALA A 277 -6.25 15.18 0.33
C ALA A 277 -4.76 14.96 0.55
N PRO A 278 -3.84 15.39 -0.33
CA PRO A 278 -2.42 15.09 -0.06
C PRO A 278 -1.87 15.86 1.14
N ILE A 279 -2.40 17.05 1.41
CA ILE A 279 -2.04 17.75 2.64
C ILE A 279 -2.34 16.87 3.85
N GLY A 280 -3.28 15.93 3.71
CA GLY A 280 -3.52 14.94 4.74
C GLY A 280 -2.34 14.06 5.08
N TYR A 281 -1.39 13.89 4.17
CA TYR A 281 -0.14 13.24 4.51
C TYR A 281 0.58 14.04 5.61
N MET A 282 0.61 15.37 5.44
CA MET A 282 1.20 16.26 6.43
C MET A 282 0.35 16.30 7.70
N GLY A 283 -0.97 16.36 7.54
CA GLY A 283 -1.84 16.38 8.70
C GLY A 283 -1.69 15.15 9.55
N SER A 284 -1.56 13.99 8.91
CA SER A 284 -1.40 12.75 9.64
C SER A 284 -0.09 12.74 10.40
N PHE A 285 0.99 13.25 9.78
CA PHE A 285 2.26 13.31 10.49
C PHE A 285 2.20 14.33 11.62
N LYS A 286 1.61 15.51 11.37
CA LYS A 286 1.47 16.48 12.46
C LYS A 286 0.68 15.88 13.62
N ASN A 287 -0.40 15.16 13.31
CA ASN A 287 -1.18 14.50 14.34
C ASN A 287 -0.31 13.54 15.15
N LEU A 288 0.53 12.76 14.46
CA LEU A 288 1.40 11.82 15.14
C LEU A 288 2.39 12.55 16.03
N CYS A 289 3.03 13.60 15.50
CA CYS A 289 3.95 14.39 16.31
C CYS A 289 3.25 14.95 17.54
N ASP A 290 2.04 15.51 17.36
CA ASP A 290 1.34 16.14 18.46
C ASP A 290 0.96 15.12 19.52
N LYS A 291 0.49 13.94 19.10
CA LYS A 291 0.16 12.88 20.06
C LYS A 291 1.38 12.43 20.85
N ARG A 292 2.55 12.44 20.22
CA ARG A 292 3.79 12.04 20.87
C ARG A 292 4.37 13.16 21.73
N GLY A 293 3.81 14.36 21.69
CA GLY A 293 4.43 15.48 22.38
C GLY A 293 5.71 15.94 21.75
N ASP A 294 5.87 15.67 20.47
CA ASP A 294 7.11 15.92 19.73
C ASP A 294 6.94 17.24 18.99
N SER A 295 7.62 18.27 19.48
CA SER A 295 7.46 19.62 18.94
C SER A 295 8.48 19.98 17.88
N VAL A 296 9.37 19.06 17.51
CA VAL A 296 10.42 19.39 16.56
C VAL A 296 10.31 18.63 15.25
N SER A 297 9.72 17.42 15.28
CA SER A 297 9.86 16.55 14.12
C SER A 297 9.07 17.02 12.92
N PHE A 298 7.93 17.69 13.12
CA PHE A 298 7.15 18.08 11.95
C PHE A 298 7.98 19.00 11.03
N ASP A 299 8.59 20.03 11.60
CA ASP A 299 9.43 20.93 10.80
C ASP A 299 10.67 20.19 10.29
N GLU A 300 11.22 19.29 11.10
CA GLU A 300 12.40 18.53 10.65
C GLU A 300 12.13 17.73 9.40
N TYR A 301 10.89 17.26 9.22
CA TYR A 301 10.59 16.46 8.04
C TYR A 301 10.00 17.25 6.88
N TRP A 302 9.34 18.40 7.13
CA TRP A 302 8.61 19.07 6.07
C TRP A 302 9.15 20.42 5.66
N LYS A 303 10.10 21.00 6.40
CA LYS A 303 10.70 22.25 5.96
C LYS A 303 11.67 22.01 4.81
N LYS A 304 11.94 23.08 4.06
CA LYS A 304 12.73 22.96 2.83
C LYS A 304 14.14 22.45 3.09
N ASP A 305 14.69 22.70 4.28
CA ASP A 305 16.06 22.30 4.60
C ASP A 305 16.14 20.89 5.18
N SER A 306 15.08 20.10 5.03
CA SER A 306 15.00 18.80 5.69
C SER A 306 16.08 17.86 5.19
N THR A 307 16.66 17.08 6.09
CA THR A 307 17.55 15.99 5.73
C THR A 307 16.83 14.65 5.81
N ALA A 308 15.55 14.66 6.15
CA ALA A 308 14.74 13.44 6.14
C ALA A 308 14.31 13.12 4.71
N GLU A 309 14.04 11.84 4.48
CA GLU A 309 13.57 11.33 3.20
C GLU A 309 12.06 11.15 3.23
N LEU A 310 11.39 11.55 2.15
CA LEU A 310 9.95 11.43 2.01
C LEU A 310 9.61 10.61 0.78
N TYR A 311 8.90 9.50 0.98
CA TYR A 311 8.60 8.57 -0.08
C TYR A 311 7.10 8.29 -0.09
N HIS A 312 6.52 8.28 -1.29
CA HIS A 312 5.12 7.96 -1.48
C HIS A 312 5.03 6.68 -2.31
N PHE A 313 4.37 5.65 -1.75
CA PHE A 313 3.98 4.46 -2.50
C PHE A 313 2.60 4.74 -3.10
N ILE A 314 2.49 4.61 -4.42
CA ILE A 314 1.27 4.97 -5.14
C ILE A 314 1.10 4.00 -6.33
N GLY A 315 -0.10 4.01 -6.90
CA GLY A 315 -0.38 3.29 -8.12
C GLY A 315 -0.34 4.16 -9.35
N LYS A 316 -0.48 3.50 -10.50
CA LYS A 316 -0.37 4.18 -11.79
C LYS A 316 -1.35 5.34 -11.92
N ASP A 317 -2.57 5.17 -11.41
CA ASP A 317 -3.60 6.19 -11.60
C ASP A 317 -3.36 7.42 -10.75
N CYS A 318 -2.35 7.41 -9.88
CA CYS A 318 -2.08 8.52 -8.98
C CYS A 318 -0.80 9.25 -9.34
N VAL A 319 -0.17 8.92 -10.47
CA VAL A 319 1.17 9.40 -10.78
C VAL A 319 1.15 10.87 -11.19
N TYR A 320 0.24 11.23 -12.10
CA TYR A 320 0.13 12.65 -12.49
C TYR A 320 0.00 13.53 -11.25
N PHE A 321 -0.90 13.13 -10.35
CA PHE A 321 -1.19 13.93 -9.17
C PHE A 321 0.02 14.06 -8.27
N HIS A 322 0.70 12.94 -8.00
CA HIS A 322 1.81 12.96 -7.05
C HIS A 322 3.11 13.47 -7.65
N SER A 323 3.25 13.42 -8.98
CA SER A 323 4.50 13.84 -9.59
C SER A 323 4.49 15.28 -10.10
N LEU A 324 3.31 15.87 -10.30
CA LEU A 324 3.20 17.22 -10.85
C LEU A 324 2.45 18.15 -9.91
N PHE A 325 1.16 17.87 -9.65
CA PHE A 325 0.35 18.79 -8.85
C PHE A 325 0.88 18.92 -7.44
N TRP A 326 1.19 17.78 -6.80
CA TRP A 326 1.58 17.80 -5.39
C TRP A 326 2.93 18.46 -5.16
N PRO A 327 4.00 18.09 -5.86
CA PRO A 327 5.27 18.81 -5.64
C PRO A 327 5.16 20.29 -5.95
N ALA A 328 4.33 20.66 -6.92
CA ALA A 328 4.14 22.07 -7.22
C ALA A 328 3.48 22.79 -6.05
N MET A 329 2.43 22.19 -5.45
CA MET A 329 1.80 22.82 -4.29
C MET A 329 2.79 23.00 -3.15
N LEU A 330 3.60 21.98 -2.89
CA LEU A 330 4.61 22.06 -1.84
C LEU A 330 5.62 23.18 -2.13
N GLU A 331 6.15 23.21 -3.34
CA GLU A 331 7.11 24.24 -3.71
C GLU A 331 6.51 25.62 -3.52
N GLY A 332 5.28 25.80 -4.00
CA GLY A 332 4.64 27.08 -3.94
C GLY A 332 4.26 27.54 -2.54
N SER A 333 4.27 26.65 -1.56
CA SER A 333 3.96 26.97 -0.17
C SER A 333 5.17 26.76 0.74
N ASN A 334 6.36 26.64 0.16
CA ASN A 334 7.63 26.71 0.89
C ASN A 334 7.84 25.46 1.78
N PHE A 335 7.42 24.31 1.28
CA PHE A 335 7.68 23.03 1.94
C PHE A 335 8.57 22.18 1.03
N ARG A 336 9.23 21.20 1.65
CA ARG A 336 10.02 20.24 0.88
C ARG A 336 9.11 19.35 0.04
N LYS A 337 9.72 18.75 -0.99
CA LYS A 337 9.05 17.91 -1.97
C LYS A 337 9.44 16.45 -1.78
N PRO A 338 8.69 15.52 -2.36
CA PRO A 338 9.02 14.11 -2.18
C PRO A 338 10.45 13.81 -2.62
N SER A 339 11.09 12.92 -1.87
CA SER A 339 12.38 12.39 -2.28
C SER A 339 12.22 11.49 -3.50
N ASN A 340 11.15 10.71 -3.51
CA ASN A 340 10.90 9.79 -4.61
C ASN A 340 9.47 9.32 -4.54
N LEU A 341 8.98 8.82 -5.68
CA LEU A 341 7.70 8.16 -5.80
C LEU A 341 7.98 6.71 -6.17
N PHE A 342 7.32 5.78 -5.48
CA PHE A 342 7.47 4.37 -5.75
C PHE A 342 6.13 3.87 -6.30
N VAL A 343 6.09 3.55 -7.59
CA VAL A 343 4.83 3.29 -8.29
C VAL A 343 4.71 1.81 -8.58
N HIS A 344 3.55 1.24 -8.29
CA HIS A 344 3.23 -0.13 -8.65
C HIS A 344 2.12 -0.17 -9.69
N GLY A 345 1.98 -1.31 -10.34
CA GLY A 345 0.94 -1.51 -11.33
C GLY A 345 -0.37 -1.94 -10.71
N TYR A 346 -1.29 -2.31 -11.58
CA TYR A 346 -2.60 -2.78 -11.15
C TYR A 346 -2.53 -4.23 -10.71
N VAL A 347 -3.49 -4.61 -9.85
CA VAL A 347 -3.71 -6.01 -9.50
C VAL A 347 -4.66 -6.62 -10.52
N THR A 348 -4.35 -7.85 -10.94
CA THR A 348 -5.28 -8.68 -11.67
C THR A 348 -5.47 -9.95 -10.89
N VAL A 349 -6.60 -10.62 -11.12
CA VAL A 349 -6.90 -11.92 -10.53
C VAL A 349 -7.19 -12.88 -11.67
N ASN A 350 -6.46 -13.99 -11.71
CA ASN A 350 -6.54 -14.94 -12.82
C ASN A 350 -6.34 -14.26 -14.17
N GLY A 351 -5.46 -13.25 -14.18
CA GLY A 351 -5.04 -12.61 -15.41
C GLY A 351 -5.85 -11.43 -15.85
N ALA A 352 -7.01 -11.19 -15.24
CA ALA A 352 -7.91 -10.14 -15.67
C ALA A 352 -8.22 -9.18 -14.52
N LYS A 353 -8.65 -7.97 -14.89
CA LYS A 353 -9.19 -7.05 -13.90
C LYS A 353 -10.18 -7.78 -13.01
N MET A 354 -10.19 -7.43 -11.72
CA MET A 354 -11.14 -8.01 -10.80
C MET A 354 -12.57 -7.89 -11.34
N SER A 355 -13.34 -8.96 -11.16
CA SER A 355 -14.63 -9.15 -11.80
C SER A 355 -15.63 -9.57 -10.74
N LYS A 356 -16.61 -8.71 -10.44
CA LYS A 356 -17.62 -9.05 -9.44
C LYS A 356 -18.38 -10.31 -9.84
N SER A 357 -18.72 -10.44 -11.12
CA SER A 357 -19.55 -11.57 -11.53
C SER A 357 -18.81 -12.90 -11.44
N ARG A 358 -17.49 -12.88 -11.61
CA ARG A 358 -16.68 -14.07 -11.47
C ARG A 358 -16.21 -14.31 -10.05
N GLY A 359 -16.55 -13.42 -9.12
CA GLY A 359 -16.09 -13.55 -7.76
C GLY A 359 -14.61 -13.28 -7.56
N THR A 360 -13.98 -12.50 -8.43
CA THR A 360 -12.59 -12.13 -8.24
C THR A 360 -12.41 -10.71 -7.77
N PHE A 361 -13.49 -9.95 -7.56
CA PHE A 361 -13.42 -8.71 -6.81
C PHE A 361 -13.48 -9.08 -5.34
N ILE A 362 -12.33 -9.13 -4.68
CA ILE A 362 -12.17 -9.75 -3.38
C ILE A 362 -11.83 -8.66 -2.38
N LYS A 363 -12.66 -8.54 -1.34
CA LYS A 363 -12.43 -7.61 -0.25
C LYS A 363 -11.36 -8.17 0.68
N ALA A 364 -10.58 -7.25 1.28
CA ALA A 364 -9.60 -7.65 2.27
C ALA A 364 -10.25 -8.42 3.41
N SER A 365 -11.43 -7.99 3.86
CA SER A 365 -12.08 -8.67 4.97
C SER A 365 -12.47 -10.09 4.58
N THR A 366 -12.97 -10.26 3.35
CA THR A 366 -13.31 -11.59 2.88
C THR A 366 -12.08 -12.48 2.81
N TRP A 367 -10.97 -11.95 2.29
CA TRP A 367 -9.74 -12.74 2.18
C TRP A 367 -9.42 -13.43 3.51
N LEU A 368 -9.50 -12.67 4.60
CA LEU A 368 -9.04 -13.17 5.89
C LEU A 368 -9.97 -14.21 6.48
N ASN A 369 -11.19 -14.35 5.96
CA ASN A 369 -12.05 -15.45 6.39
C ASN A 369 -11.58 -16.80 5.84
N HIS A 370 -10.78 -16.79 4.78
CA HIS A 370 -10.37 -18.00 4.07
C HIS A 370 -8.90 -18.32 4.19
N PHE A 371 -8.05 -17.29 4.20
CA PHE A 371 -6.61 -17.42 4.24
C PHE A 371 -6.01 -16.47 5.25
N ASP A 372 -4.77 -16.72 5.62
CA ASP A 372 -4.10 -15.77 6.51
C ASP A 372 -3.49 -14.63 5.70
N ALA A 373 -3.03 -13.62 6.43
CA ALA A 373 -2.41 -12.46 5.80
C ALA A 373 -1.07 -12.83 5.16
N ASP A 374 -0.28 -13.67 5.84
CA ASP A 374 1.07 -13.97 5.38
C ASP A 374 1.04 -14.58 3.98
N SER A 375 0.04 -15.39 3.67
CA SER A 375 0.00 -16.05 2.37
C SER A 375 -0.06 -15.02 1.24
N LEU A 376 -0.92 -14.02 1.38
CA LEU A 376 -1.03 -13.01 0.33
C LEU A 376 0.19 -12.10 0.32
N ARG A 377 0.70 -11.73 1.50
CA ARG A 377 1.91 -10.93 1.56
C ARG A 377 3.05 -11.64 0.82
N TYR A 378 3.21 -12.93 1.08
CA TYR A 378 4.26 -13.69 0.38
C TYR A 378 4.04 -13.68 -1.13
N TYR A 379 2.83 -14.01 -1.57
CA TYR A 379 2.59 -14.14 -3.00
C TYR A 379 2.85 -12.82 -3.72
N TYR A 380 2.30 -11.73 -3.20
CA TYR A 380 2.53 -10.42 -3.80
C TYR A 380 4.02 -10.08 -3.83
N THR A 381 4.69 -10.28 -2.70
CA THR A 381 6.11 -9.97 -2.62
C THR A 381 6.92 -10.76 -3.66
N ALA A 382 6.58 -12.04 -3.86
CA ALA A 382 7.29 -12.85 -4.84
C ALA A 382 7.12 -12.34 -6.25
N LYS A 383 6.06 -11.56 -6.52
CA LYS A 383 5.78 -11.05 -7.85
C LYS A 383 6.23 -9.62 -8.06
N LEU A 384 6.51 -8.88 -6.99
CA LEU A 384 6.77 -7.46 -7.11
C LEU A 384 8.21 -7.18 -7.53
N SER A 385 8.39 -5.99 -8.10
CA SER A 385 9.69 -5.54 -8.55
C SER A 385 9.71 -4.02 -8.46
N SER A 386 10.82 -3.43 -8.88
CA SER A 386 10.96 -1.98 -8.89
C SER A 386 10.30 -1.34 -10.10
N ARG A 387 9.70 -2.14 -10.98
CA ARG A 387 9.06 -1.59 -12.17
C ARG A 387 7.57 -1.39 -11.93
N ILE A 388 6.95 -0.69 -12.87
CA ILE A 388 5.50 -0.59 -12.94
C ILE A 388 5.07 -1.72 -13.87
N ASP A 389 4.63 -2.81 -13.28
CA ASP A 389 4.03 -3.89 -14.05
C ASP A 389 2.85 -4.37 -13.23
N ASP A 390 1.77 -4.71 -13.90
CA ASP A 390 0.63 -5.26 -13.21
C ASP A 390 1.04 -6.54 -12.49
N ILE A 391 0.40 -6.79 -11.36
CA ILE A 391 0.68 -7.96 -10.52
C ILE A 391 -0.52 -8.87 -10.57
N ASP A 392 -0.31 -10.12 -11.00
CA ASP A 392 -1.40 -11.07 -11.17
C ASP A 392 -1.46 -12.05 -10.00
N LEU A 393 -2.62 -12.09 -9.35
CA LEU A 393 -2.93 -13.10 -8.35
C LEU A 393 -3.64 -14.22 -9.10
N ASN A 394 -2.87 -15.22 -9.52
CA ASN A 394 -3.45 -16.40 -10.15
C ASN A 394 -3.75 -17.39 -9.02
N LEU A 395 -5.02 -17.71 -8.81
CA LEU A 395 -5.39 -18.38 -7.58
C LEU A 395 -4.90 -19.83 -7.54
N GLU A 396 -4.84 -20.51 -8.68
CA GLU A 396 -4.23 -21.83 -8.72
C GLU A 396 -2.75 -21.76 -8.36
N ASP A 397 -2.04 -20.81 -8.95
CA ASP A 397 -0.63 -20.63 -8.65
C ASP A 397 -0.39 -20.22 -7.22
N PHE A 398 -1.32 -19.46 -6.65
CA PHE A 398 -1.24 -19.07 -5.24
C PHE A 398 -1.17 -20.29 -4.34
N VAL A 399 -2.07 -21.26 -4.57
CA VAL A 399 -2.06 -22.48 -3.76
C VAL A 399 -0.74 -23.23 -3.96
N GLN A 400 -0.32 -23.40 -5.22
CA GLN A 400 0.90 -24.14 -5.50
C GLN A 400 2.11 -23.44 -4.86
N ARG A 401 2.19 -22.12 -5.00
CA ARG A 401 3.40 -21.42 -4.58
C ARG A 401 3.50 -21.33 -3.07
N VAL A 402 2.38 -21.10 -2.38
CA VAL A 402 2.42 -21.03 -0.93
C VAL A 402 2.82 -22.38 -0.35
N ASN A 403 2.20 -23.45 -0.85
CA ASN A 403 2.53 -24.79 -0.37
C ASN A 403 3.98 -25.14 -0.67
N ALA A 404 4.43 -24.82 -1.89
CA ALA A 404 5.78 -25.20 -2.30
C ALA A 404 6.83 -24.44 -1.51
N ASP A 405 6.65 -23.13 -1.37
CA ASP A 405 7.71 -22.28 -0.84
C ASP A 405 7.65 -22.12 0.67
N ILE A 406 6.48 -21.82 1.22
CA ILE A 406 6.38 -21.60 2.66
C ILE A 406 6.36 -22.93 3.41
N VAL A 407 5.45 -23.84 3.03
CA VAL A 407 5.32 -25.08 3.78
C VAL A 407 6.49 -26.01 3.49
N ASN A 408 6.82 -26.21 2.22
CA ASN A 408 7.75 -27.26 1.88
C ASN A 408 9.20 -26.86 1.72
N LYS A 409 9.50 -25.56 1.63
CA LYS A 409 10.88 -25.13 1.59
C LYS A 409 11.31 -24.50 2.90
N VAL A 410 10.66 -23.43 3.33
CA VAL A 410 11.16 -22.69 4.47
C VAL A 410 10.73 -23.33 5.78
N VAL A 411 9.42 -23.49 5.98
CA VAL A 411 8.96 -24.02 7.27
C VAL A 411 9.41 -25.46 7.43
N ASN A 412 9.58 -26.17 6.32
CA ASN A 412 10.04 -27.56 6.35
C ASN A 412 11.37 -27.70 7.08
N LEU A 413 12.24 -26.70 6.96
CA LEU A 413 13.52 -26.79 7.64
C LEU A 413 13.36 -26.82 9.14
N ALA A 414 12.33 -26.16 9.67
CA ALA A 414 12.03 -26.24 11.09
C ALA A 414 11.29 -27.53 11.42
N SER A 415 10.22 -27.82 10.67
CA SER A 415 9.34 -28.92 11.04
C SER A 415 10.01 -30.29 10.91
N ARG A 416 10.95 -30.46 9.99
CA ARG A 416 11.57 -31.77 9.82
C ARG A 416 12.65 -32.04 10.86
N ASN A 417 13.12 -31.00 11.54
CA ASN A 417 14.27 -31.07 12.43
C ASN A 417 13.94 -30.85 13.90
N ALA A 418 12.89 -30.07 14.19
CA ALA A 418 12.62 -29.68 15.57
C ALA A 418 12.20 -30.86 16.43
N GLY A 419 11.48 -31.82 15.85
CA GLY A 419 11.00 -32.95 16.64
C GLY A 419 12.12 -33.76 17.26
N PHE A 420 13.14 -34.08 16.47
CA PHE A 420 14.28 -34.81 17.02
C PHE A 420 14.97 -34.01 18.11
N ILE A 421 15.13 -32.70 17.91
CA ILE A 421 15.80 -31.88 18.92
C ILE A 421 15.02 -31.91 20.23
N ASN A 422 13.69 -31.73 20.14
CA ASN A 422 12.89 -31.67 21.36
C ASN A 422 12.79 -33.04 22.02
N LYS A 423 12.65 -34.11 21.22
CA LYS A 423 12.36 -35.42 21.82
C LYS A 423 13.63 -36.14 22.27
N ARG A 424 14.73 -35.98 21.55
CA ARG A 424 15.92 -36.75 21.88
C ARG A 424 17.04 -35.93 22.50
N PHE A 425 16.99 -34.61 22.41
CA PHE A 425 18.09 -33.78 22.92
C PHE A 425 17.58 -32.68 23.86
N ASP A 426 16.39 -32.87 24.43
CA ASP A 426 15.88 -31.98 25.47
C ASP A 426 15.74 -30.55 24.97
N GLY A 427 15.55 -30.39 23.67
CA GLY A 427 15.41 -29.09 23.08
C GLY A 427 16.70 -28.34 22.82
N VAL A 428 17.86 -28.98 23.00
CA VAL A 428 19.14 -28.27 22.97
C VAL A 428 19.83 -28.49 21.62
N LEU A 429 20.18 -27.38 20.99
CA LEU A 429 20.93 -27.40 19.74
C LEU A 429 22.42 -27.69 19.99
N ALA A 430 23.06 -28.26 18.99
CA ALA A 430 24.46 -28.66 19.05
C ALA A 430 25.37 -27.49 19.40
N SER A 431 26.54 -27.82 19.94
CA SER A 431 27.48 -26.81 20.42
C SER A 431 28.27 -26.13 19.31
N GLU A 432 28.25 -26.71 18.11
CA GLU A 432 28.99 -26.16 16.98
C GLU A 432 28.19 -26.41 15.71
N LEU A 433 28.44 -25.59 14.71
CA LEU A 433 27.84 -25.82 13.39
C LEU A 433 28.42 -27.06 12.73
N ALA A 434 27.55 -27.91 12.20
CA ALA A 434 28.00 -29.08 11.46
C ALA A 434 28.68 -28.71 10.15
N ASP A 435 28.25 -27.63 9.50
CA ASP A 435 28.77 -27.22 8.20
C ASP A 435 28.94 -25.71 8.19
N PRO A 436 30.04 -25.21 8.75
CA PRO A 436 30.22 -23.74 8.81
C PRO A 436 30.35 -23.11 7.43
N GLN A 437 30.88 -23.85 6.45
CA GLN A 437 30.99 -23.31 5.10
C GLN A 437 29.62 -23.04 4.51
N LEU A 438 28.69 -23.99 4.67
CA LEU A 438 27.32 -23.78 4.21
C LEU A 438 26.67 -22.61 4.93
N TYR A 439 26.90 -22.51 6.25
CA TYR A 439 26.31 -21.40 6.99
C TYR A 439 26.82 -20.06 6.45
N LYS A 440 28.12 -19.97 6.16
CA LYS A 440 28.65 -18.73 5.60
C LYS A 440 28.03 -18.41 4.26
N THR A 441 27.74 -19.43 3.44
CA THR A 441 27.04 -19.17 2.19
C THR A 441 25.72 -18.47 2.46
N PHE A 442 25.02 -18.85 3.53
CA PHE A 442 23.75 -18.24 3.85
C PHE A 442 23.93 -16.82 4.37
N THR A 443 24.89 -16.60 5.25
CA THR A 443 25.03 -15.25 5.79
C THR A 443 25.68 -14.29 4.79
N ASP A 444 26.50 -14.81 3.88
CA ASP A 444 27.09 -13.99 2.82
C ASP A 444 26.01 -13.42 1.90
N ALA A 445 24.85 -14.05 1.81
CA ALA A 445 23.80 -13.58 0.92
C ALA A 445 23.07 -12.36 1.47
N ALA A 446 23.32 -11.98 2.72
CA ALA A 446 22.56 -10.89 3.33
C ALA A 446 22.71 -9.59 2.56
N GLU A 447 23.90 -9.32 2.02
CA GLU A 447 24.11 -8.06 1.31
C GLU A 447 23.22 -7.95 0.08
N VAL A 448 23.21 -8.99 -0.76
CA VAL A 448 22.41 -8.95 -1.98
C VAL A 448 20.92 -8.97 -1.66
N ILE A 449 20.52 -9.74 -0.65
CA ILE A 449 19.10 -9.80 -0.30
C ILE A 449 18.65 -8.45 0.25
N GLY A 450 19.43 -7.89 1.16
CA GLY A 450 19.05 -6.61 1.72
C GLY A 450 19.01 -5.52 0.66
N GLU A 451 19.97 -5.54 -0.27
CA GLU A 451 19.93 -4.57 -1.35
C GLU A 451 18.68 -4.75 -2.21
N ALA A 452 18.23 -6.00 -2.37
CA ALA A 452 17.00 -6.25 -3.12
C ALA A 452 15.78 -5.69 -2.39
N TRP A 453 15.71 -5.88 -1.07
CA TRP A 453 14.61 -5.26 -0.32
C TRP A 453 14.68 -3.74 -0.44
N GLU A 454 15.88 -3.19 -0.29
CA GLU A 454 16.08 -1.75 -0.32
C GLU A 454 15.61 -1.15 -1.63
N SER A 455 15.97 -1.80 -2.74
CA SER A 455 15.69 -1.30 -4.08
C SER A 455 14.30 -1.68 -4.57
N ARG A 456 13.51 -2.36 -3.73
CA ARG A 456 12.14 -2.79 -4.06
C ARG A 456 12.14 -3.89 -5.11
N GLU A 457 13.27 -4.59 -5.28
CA GLU A 457 13.33 -5.79 -6.14
C GLU A 457 12.93 -7.00 -5.30
N PHE A 458 11.64 -6.99 -4.92
CA PHE A 458 11.14 -7.97 -3.97
C PHE A 458 11.21 -9.38 -4.57
N GLY A 459 10.82 -9.52 -5.84
CA GLY A 459 10.88 -10.84 -6.45
C GLY A 459 12.29 -11.40 -6.49
N LYS A 460 13.28 -10.52 -6.70
CA LYS A 460 14.67 -10.95 -6.68
C LYS A 460 15.06 -11.45 -5.30
N ALA A 461 14.67 -10.69 -4.26
CA ALA A 461 14.96 -11.12 -2.90
C ALA A 461 14.36 -12.50 -2.62
N VAL A 462 13.09 -12.70 -3.00
CA VAL A 462 12.44 -13.97 -2.71
C VAL A 462 13.10 -15.10 -3.50
N ARG A 463 13.48 -14.83 -4.75
CA ARG A 463 14.17 -15.87 -5.52
C ARG A 463 15.48 -16.26 -4.87
N GLU A 464 16.25 -15.29 -4.38
CA GLU A 464 17.50 -15.61 -3.69
C GLU A 464 17.24 -16.38 -2.41
N ILE A 465 16.22 -15.97 -1.65
CA ILE A 465 15.89 -16.67 -0.40
C ILE A 465 15.46 -18.11 -0.69
N MET A 466 14.63 -18.32 -1.71
CA MET A 466 14.17 -19.68 -1.98
C MET A 466 15.28 -20.53 -2.57
N ALA A 467 16.23 -19.94 -3.30
CA ALA A 467 17.39 -20.71 -3.73
C ALA A 467 18.21 -21.21 -2.54
N LEU A 468 18.35 -20.37 -1.53
CA LEU A 468 19.00 -20.80 -0.29
C LEU A 468 18.19 -21.88 0.41
N ALA A 469 16.86 -21.74 0.42
CA ALA A 469 16.03 -22.75 1.03
C ALA A 469 16.18 -24.09 0.33
N ASP A 470 16.30 -24.08 -1.01
CA ASP A 470 16.58 -25.31 -1.73
C ASP A 470 17.91 -25.91 -1.31
N LEU A 471 18.95 -25.07 -1.18
CA LEU A 471 20.25 -25.57 -0.72
C LEU A 471 20.14 -26.19 0.68
N ALA A 472 19.39 -25.54 1.58
CA ALA A 472 19.25 -26.05 2.95
C ALA A 472 18.55 -27.39 2.95
N ASN A 473 17.48 -27.53 2.16
CA ASN A 473 16.79 -28.81 2.14
C ASN A 473 17.61 -29.88 1.42
N ARG A 474 18.46 -29.48 0.46
CA ARG A 474 19.39 -30.43 -0.14
C ARG A 474 20.39 -30.92 0.89
N TYR A 475 20.90 -30.02 1.73
CA TYR A 475 21.79 -30.42 2.81
C TYR A 475 21.13 -31.46 3.71
N VAL A 476 19.91 -31.19 4.15
CA VAL A 476 19.24 -32.12 5.04
C VAL A 476 19.02 -33.45 4.32
N ASP A 477 18.56 -33.41 3.07
CA ASP A 477 18.36 -34.63 2.31
C ASP A 477 19.66 -35.45 2.25
N GLU A 478 20.79 -34.77 1.99
CA GLU A 478 22.07 -35.46 1.85
C GLU A 478 22.46 -36.17 3.14
N GLN A 479 22.21 -35.52 4.29
CA GLN A 479 22.54 -36.09 5.59
C GLN A 479 21.56 -37.14 6.06
N ALA A 480 20.35 -37.16 5.49
CA ALA A 480 19.35 -38.21 5.71
C ALA A 480 19.07 -38.46 7.19
N PRO A 481 18.55 -37.47 7.90
CA PRO A 481 18.28 -37.68 9.34
C PRO A 481 17.26 -38.79 9.60
N TRP A 482 16.35 -39.08 8.67
CA TRP A 482 15.41 -40.20 8.86
C TRP A 482 16.11 -41.56 8.83
N VAL A 483 17.34 -41.62 8.32
CA VAL A 483 18.18 -42.80 8.41
C VAL A 483 19.03 -42.77 9.67
N VAL A 484 19.72 -41.64 9.90
CA VAL A 484 20.60 -41.51 11.04
C VAL A 484 19.86 -41.80 12.34
N ALA A 485 18.60 -41.39 12.42
CA ALA A 485 17.84 -41.48 13.67
C ALA A 485 17.65 -42.92 14.12
N LYS A 486 17.67 -43.88 13.18
CA LYS A 486 17.40 -45.26 13.55
C LYS A 486 18.68 -46.07 13.77
N GLN A 487 19.85 -45.46 13.62
CA GLN A 487 21.11 -46.19 13.61
C GLN A 487 21.82 -46.04 14.95
N GLU A 488 22.22 -47.18 15.50
CA GLU A 488 22.83 -47.22 16.83
C GLU A 488 24.03 -46.31 16.91
N GLY A 489 24.11 -45.54 17.99
CA GLY A 489 25.28 -44.74 18.29
C GLY A 489 25.41 -43.45 17.52
N ARG A 490 24.44 -43.06 16.70
CA ARG A 490 24.55 -41.87 15.87
C ARG A 490 23.78 -40.68 16.45
N ASP A 491 23.58 -40.65 17.77
CA ASP A 491 22.87 -39.55 18.41
C ASP A 491 23.53 -38.21 18.09
N ALA A 492 24.86 -38.15 18.21
CA ALA A 492 25.55 -36.88 17.99
C ALA A 492 25.37 -36.40 16.57
N ASP A 493 25.49 -37.32 15.60
CA ASP A 493 25.27 -36.97 14.20
C ASP A 493 23.89 -36.37 14.01
N LEU A 494 22.87 -37.02 14.59
CA LEU A 494 21.50 -36.55 14.40
C LEU A 494 21.33 -35.15 14.95
N GLN A 495 21.79 -34.91 16.18
CA GLN A 495 21.70 -33.58 16.75
C GLN A 495 22.41 -32.56 15.87
N ALA A 496 23.58 -32.92 15.33
CA ALA A 496 24.33 -31.99 14.48
C ALA A 496 23.56 -31.63 13.21
N ILE A 497 22.99 -32.64 12.56
CA ILE A 497 22.24 -32.41 11.33
C ILE A 497 21.05 -31.50 11.61
N CYS A 498 20.24 -31.87 12.61
CA CYS A 498 19.01 -31.15 12.86
C CYS A 498 19.28 -29.73 13.34
N SER A 499 20.34 -29.55 14.12
CA SER A 499 20.68 -28.21 14.57
C SER A 499 21.13 -27.34 13.40
N MET A 500 21.87 -27.92 12.46
CA MET A 500 22.29 -27.18 11.28
C MET A 500 21.08 -26.71 10.49
N GLY A 501 20.11 -27.60 10.30
CA GLY A 501 18.89 -27.22 9.59
C GLY A 501 18.15 -26.09 10.28
N ILE A 502 18.08 -26.13 11.61
CA ILE A 502 17.38 -25.10 12.36
C ILE A 502 18.12 -23.77 12.25
N ASN A 503 19.45 -23.80 12.25
CA ASN A 503 20.18 -22.54 12.06
C ASN A 503 19.97 -21.98 10.66
N LEU A 504 19.88 -22.84 9.64
CA LEU A 504 19.59 -22.33 8.29
C LEU A 504 18.20 -21.71 8.25
N PHE A 505 17.24 -22.33 8.94
CA PHE A 505 15.90 -21.75 9.09
C PHE A 505 15.96 -20.39 9.76
N ARG A 506 16.76 -20.26 10.81
CA ARG A 506 16.88 -18.97 11.49
C ARG A 506 17.27 -17.88 10.50
N VAL A 507 18.27 -18.14 9.66
CA VAL A 507 18.71 -17.14 8.70
C VAL A 507 17.60 -16.83 7.70
N LEU A 508 16.98 -17.87 7.13
CA LEU A 508 15.97 -17.64 6.10
C LEU A 508 14.79 -16.84 6.66
N MET A 509 14.40 -17.12 7.92
CA MET A 509 13.29 -16.40 8.50
C MET A 509 13.67 -14.95 8.78
N THR A 510 14.95 -14.68 9.03
CA THR A 510 15.39 -13.28 9.19
C THR A 510 15.21 -12.53 7.87
N TYR A 511 15.62 -13.14 6.75
CA TYR A 511 15.48 -12.51 5.46
C TYR A 511 14.01 -12.31 5.10
N LEU A 512 13.12 -13.21 5.56
CA LEU A 512 11.69 -13.13 5.29
C LEU A 512 10.92 -12.35 6.35
N LYS A 513 11.58 -11.84 7.38
CA LYS A 513 10.86 -11.19 8.46
C LYS A 513 10.05 -9.99 7.97
N PRO A 514 10.51 -9.19 7.01
CA PRO A 514 9.66 -8.11 6.49
C PRO A 514 8.42 -8.61 5.81
N VAL A 515 8.45 -9.84 5.28
CA VAL A 515 7.39 -10.34 4.42
C VAL A 515 6.31 -11.05 5.23
N LEU A 516 6.71 -11.82 6.24
CA LEU A 516 5.82 -12.74 6.94
C LEU A 516 5.81 -12.46 8.44
N PRO A 517 5.13 -11.39 8.86
CA PRO A 517 5.25 -11.02 10.28
C PRO A 517 4.71 -12.06 11.25
N LYS A 518 3.61 -12.74 10.92
CA LYS A 518 3.05 -13.66 11.91
C LYS A 518 3.86 -14.95 11.99
N LEU A 519 4.23 -15.52 10.83
CA LEU A 519 5.11 -16.68 10.87
C LEU A 519 6.42 -16.35 11.59
N THR A 520 6.95 -15.16 11.37
CA THR A 520 8.16 -14.75 12.06
C THR A 520 7.95 -14.76 13.57
N GLU A 521 6.80 -14.29 14.05
CA GLU A 521 6.53 -14.33 15.49
C GLU A 521 6.54 -15.77 16.00
N ARG A 522 5.88 -16.68 15.26
CA ARG A 522 5.88 -18.09 15.63
C ARG A 522 7.28 -18.67 15.59
N ALA A 523 8.09 -18.26 14.60
CA ALA A 523 9.46 -18.72 14.49
C ALA A 523 10.30 -18.24 15.67
N GLU A 524 10.10 -16.98 16.08
CA GLU A 524 10.84 -16.42 17.21
C GLU A 524 10.48 -17.12 18.51
N ALA A 525 9.20 -17.50 18.68
CA ALA A 525 8.82 -18.24 19.87
C ALA A 525 9.48 -19.62 19.91
N PHE A 526 9.53 -20.31 18.77
CA PHE A 526 10.20 -21.60 18.67
C PHE A 526 11.68 -21.47 18.98
N LEU A 527 12.33 -20.46 18.38
CA LEU A 527 13.76 -20.30 18.49
C LEU A 527 14.20 -19.63 19.79
N ASN A 528 13.27 -19.09 20.56
CA ASN A 528 13.59 -18.38 21.80
C ASN A 528 14.51 -17.20 21.52
N THR A 529 14.29 -16.53 20.39
CA THR A 529 15.08 -15.35 20.10
C THR A 529 14.37 -14.46 19.10
N GLU A 530 14.51 -13.16 19.30
CA GLU A 530 14.16 -12.17 18.29
C GLU A 530 15.10 -12.30 17.11
N LEU A 531 14.57 -12.19 15.90
CA LEU A 531 15.39 -12.23 14.71
C LEU A 531 15.77 -10.80 14.34
N THR A 532 17.08 -10.54 14.32
CA THR A 532 17.63 -9.26 13.88
C THR A 532 18.51 -9.49 12.66
N TRP A 533 18.64 -8.46 11.83
CA TRP A 533 19.43 -8.60 10.61
C TRP A 533 20.86 -9.01 10.92
N ASP A 534 21.48 -8.36 11.90
CA ASP A 534 22.88 -8.65 12.22
C ASP A 534 23.04 -9.95 13.03
N GLY A 535 21.98 -10.38 13.70
CA GLY A 535 22.06 -11.55 14.56
C GLY A 535 22.45 -12.82 13.84
N ILE A 536 22.21 -12.89 12.53
CA ILE A 536 22.53 -14.12 11.80
C ILE A 536 24.02 -14.42 11.84
N GLN A 537 24.85 -13.44 12.15
CA GLN A 537 26.30 -13.66 12.24
C GLN A 537 26.69 -14.50 13.44
N GLN A 538 25.78 -14.71 14.38
CA GLN A 538 25.99 -15.54 15.57
C GLN A 538 25.00 -16.68 15.53
N PRO A 539 25.35 -17.87 15.03
CA PRO A 539 24.40 -18.98 15.05
C PRO A 539 23.98 -19.34 16.46
N LEU A 540 22.85 -20.05 16.55
CA LEU A 540 22.35 -20.56 17.81
C LEU A 540 23.10 -21.84 18.13
N LEU A 541 23.91 -21.80 19.18
CA LEU A 541 24.76 -22.90 19.59
C LEU A 541 24.54 -23.19 21.07
N GLY A 542 24.38 -24.46 21.40
CA GLY A 542 24.13 -24.83 22.80
C GLY A 542 22.95 -24.06 23.34
N HIS A 543 21.86 -24.10 22.60
CA HIS A 543 20.77 -23.14 22.71
C HIS A 543 19.45 -23.89 22.75
N LYS A 544 18.62 -23.56 23.73
CA LYS A 544 17.35 -24.22 23.93
C LYS A 544 16.27 -23.64 23.02
N VAL A 545 15.60 -24.52 22.27
CA VAL A 545 14.42 -24.17 21.48
C VAL A 545 13.19 -24.76 22.16
N ASN A 546 12.03 -24.31 21.71
CA ASN A 546 10.75 -24.73 22.25
C ASN A 546 10.00 -25.65 21.29
N PRO A 547 9.08 -26.46 21.80
CA PRO A 547 8.18 -27.22 20.92
C PRO A 547 7.22 -26.27 20.23
N PHE A 548 6.68 -26.71 19.10
CA PHE A 548 5.61 -25.98 18.45
C PHE A 548 4.64 -26.94 17.80
N LYS A 549 3.41 -26.46 17.61
CA LYS A 549 2.34 -27.24 17.02
C LYS A 549 2.58 -27.41 15.53
N ALA A 550 2.09 -26.47 14.74
CA ALA A 550 2.34 -26.42 13.30
C ALA A 550 2.59 -24.97 12.94
N LEU A 551 3.75 -24.69 12.37
CA LEU A 551 4.11 -23.30 12.08
C LEU A 551 3.32 -22.76 10.90
N TYR A 552 2.94 -23.61 9.96
CA TYR A 552 2.25 -23.16 8.76
C TYR A 552 1.64 -24.34 8.03
N ASN A 553 0.33 -24.33 7.83
CA ASN A 553 -0.35 -25.46 7.22
C ASN A 553 -0.58 -25.25 5.73
N ARG A 554 -0.75 -26.37 5.02
CA ARG A 554 -1.05 -26.32 3.59
C ARG A 554 -2.41 -25.71 3.33
N ILE A 555 -2.57 -25.15 2.12
CA ILE A 555 -3.85 -24.69 1.62
C ILE A 555 -4.24 -25.52 0.39
N ASP A 556 -5.50 -25.38 -0.04
CA ASP A 556 -5.95 -26.18 -1.18
C ASP A 556 -6.94 -25.39 -2.03
N MET A 557 -7.22 -25.94 -3.22
CA MET A 557 -8.09 -25.25 -4.16
C MET A 557 -9.55 -25.23 -3.70
N ARG A 558 -9.95 -26.12 -2.79
CA ARG A 558 -11.30 -26.01 -2.24
C ARG A 558 -11.47 -24.69 -1.50
N GLN A 559 -10.40 -24.21 -0.84
CA GLN A 559 -10.48 -22.93 -0.14
C GLN A 559 -10.56 -21.77 -1.13
N VAL A 560 -9.82 -21.87 -2.24
CA VAL A 560 -9.91 -20.86 -3.29
C VAL A 560 -11.32 -20.79 -3.85
N GLU A 561 -11.92 -21.95 -4.10
CA GLU A 561 -13.27 -21.98 -4.63
C GLU A 561 -14.25 -21.33 -3.66
N ALA A 562 -14.05 -21.54 -2.36
CA ALA A 562 -14.94 -20.95 -1.37
C ALA A 562 -14.75 -19.44 -1.31
N LEU A 563 -13.52 -18.97 -1.48
CA LEU A 563 -13.27 -17.53 -1.49
C LEU A 563 -13.99 -16.87 -2.66
N VAL A 564 -13.90 -17.49 -3.84
CA VAL A 564 -14.52 -16.95 -5.03
C VAL A 564 -16.03 -16.97 -4.88
N GLU A 565 -16.59 -18.06 -4.35
CA GLU A 565 -18.03 -18.13 -4.17
C GLU A 565 -18.50 -17.08 -3.16
N ALA A 566 -17.74 -16.88 -2.08
CA ALA A 566 -18.12 -15.89 -1.08
C ALA A 566 -18.07 -14.47 -1.63
N SER A 567 -17.31 -14.25 -2.69
CA SER A 567 -17.11 -12.91 -3.24
C SER A 567 -18.08 -12.56 -4.35
N LYS A 568 -18.83 -13.53 -4.87
CA LYS A 568 -19.88 -13.29 -5.84
C LYS A 568 -21.07 -12.59 -5.19
ZN ZN B . -24.51 5.85 -27.18
C1 CIT C . -15.98 11.31 -8.90
O1 CIT C . -15.11 11.51 -9.76
O2 CIT C . -16.54 10.19 -8.82
C2 CIT C . -16.37 12.43 -7.95
C3 CIT C . -16.30 13.85 -8.52
O7 CIT C . -16.95 13.90 -9.82
C4 CIT C . -16.97 14.83 -7.55
C5 CIT C . -16.81 16.30 -7.84
O3 CIT C . -16.83 17.12 -6.86
O4 CIT C . -16.67 16.77 -8.98
C6 CIT C . -14.86 14.28 -8.72
O5 CIT C . -14.51 14.80 -9.81
O6 CIT C . -14.04 14.15 -7.80
H21 CIT C . -17.39 12.25 -7.61
H22 CIT C . -15.72 12.38 -7.08
HO7 CIT C . -17.86 13.55 -9.74
H41 CIT C . -16.58 14.62 -6.55
H42 CIT C . -18.04 14.61 -7.54
C1 CIT D . -30.58 19.41 1.58
O1 CIT D . -30.71 19.38 0.32
O2 CIT D . -29.51 19.76 2.12
C2 CIT D . -31.76 19.01 2.44
C3 CIT D . -31.69 17.53 2.79
O7 CIT D . -31.72 16.73 1.57
C4 CIT D . -30.44 17.19 3.59
C5 CIT D . -30.43 15.70 3.86
O3 CIT D . -31.07 14.93 3.11
O4 CIT D . -29.82 15.24 4.83
C6 CIT D . -32.91 17.26 3.64
O5 CIT D . -32.93 17.59 4.84
O6 CIT D . -33.93 16.71 3.15
H21 CIT D . -31.75 19.59 3.36
H22 CIT D . -32.69 19.22 1.91
HO7 CIT D . -32.52 16.17 1.57
H41 CIT D . -29.54 17.48 3.03
H42 CIT D . -30.44 17.74 4.53
#